data_3VF6
#
_entry.id   3VF6
#
_cell.length_a   66.850
_cell.length_b   82.230
_cell.length_c   86.140
_cell.angle_alpha   90.00
_cell.angle_beta   90.00
_cell.angle_gamma   90.00
#
_symmetry.space_group_name_H-M   'P 21 21 21'
#
loop_
_entity.id
_entity.type
_entity.pdbx_description
1 polymer Glucokinase
2 non-polymer alpha-D-glucopyranose
3 non-polymer '6-({(2S)-3-cyclopentyl-2-[4-(trifluoromethyl)-1H-imidazol-1-yl]propanoyl}amino)pyridine-3-carboxylic acid'
4 non-polymer 'SODIUM ION'
5 water water
#
_entity_poly.entity_id   1
_entity_poly.type   'polypeptide(L)'
_entity_poly.pdbx_seq_one_letter_code
;MGHHHHHHENLYFQGMKKEKVEQILAEFQLQEEDLKKVMRRMQKEMDRGLRLETHEEASVKMLPTYVRSTPEGSEVGDFL
SLDLGGTNFRVMLVKVGEGEEGQWSVKTKHQMYSIPEDAMTGTAEMLFDYISECISDFLDKHQMKHKKLPLGFTFSFPVR
HEDIDKGILLNWTKGFKASGAEGNNVVGLLRDAIKRRGDFEMDVVAMVNDTVATMISCYYEDHQCEVGMIVGTGCNACYM
EEMQNVELVEGDEGRMCVNTEWGAFGDSGELDEFLLEYDRLVDESSANPGQQLYEKLIGGKYMGELVRLVLLRLVDENLL
FHGEASEQLRTRGAFETRFVSQVESDTGDRKQIYNILSTLGLRPSTTDCDIVRRACESVSTRAAHMCSAGLAGVINRMRE
SRSEDVMRITVGVDGSVYKLHPSFKERFHASVRRLTPSCEITFIESEEGSGRGAALVSAVACKKACMLGQ
;
_entity_poly.pdbx_strand_id   A
#
loop_
_chem_comp.id
_chem_comp.type
_chem_comp.name
_chem_comp.formula
0H6 non-polymer '6-({(2S)-3-cyclopentyl-2-[4-(trifluoromethyl)-1H-imidazol-1-yl]propanoyl}amino)pyridine-3-carboxylic acid' 'C18 H19 F3 N4 O3'
GLC D-saccharide, alpha linking alpha-D-glucopyranose 'C6 H12 O6'
NA non-polymer 'SODIUM ION' 'Na 1'
#
# COMPACT_ATOMS: atom_id res chain seq x y z
N HIS A 7 -2.18 -15.82 -39.82
CA HIS A 7 -3.44 -15.52 -40.54
C HIS A 7 -4.49 -14.97 -39.59
N HIS A 8 -5.47 -14.24 -40.18
CA HIS A 8 -6.60 -13.51 -39.58
C HIS A 8 -6.41 -12.03 -39.88
N GLU A 9 -7.00 -11.59 -40.99
CA GLU A 9 -6.93 -10.19 -41.43
C GLU A 9 -8.27 -9.49 -41.15
N ASN A 10 -8.84 -8.77 -42.14
CA ASN A 10 -10.11 -8.04 -42.10
C ASN A 10 -10.19 -6.98 -41.02
N LEU A 11 -9.90 -5.75 -41.45
CA LEU A 11 -9.92 -4.51 -40.67
C LEU A 11 -11.31 -4.21 -40.11
N TYR A 12 -12.38 -4.49 -40.88
CA TYR A 12 -13.75 -4.25 -40.43
C TYR A 12 -14.10 -5.17 -39.24
N PHE A 13 -13.74 -6.49 -39.33
CA PHE A 13 -14.03 -7.43 -38.24
C PHE A 13 -13.18 -7.18 -37.01
N GLN A 14 -11.89 -6.85 -37.20
CA GLN A 14 -10.96 -6.52 -36.11
CA GLN A 14 -11.01 -6.56 -36.07
C GLN A 14 -11.55 -5.32 -35.35
N GLY A 15 -12.09 -4.36 -36.13
CA GLY A 15 -12.71 -3.15 -35.60
C GLY A 15 -13.94 -3.40 -34.76
N MET A 16 -14.78 -4.36 -35.19
CA MET A 16 -16.01 -4.73 -34.49
C MET A 16 -15.66 -5.41 -33.17
N LYS A 17 -14.61 -6.27 -33.19
CA LYS A 17 -14.13 -6.90 -31.96
C LYS A 17 -13.68 -5.82 -30.98
N LYS A 18 -12.91 -4.79 -31.44
CA LYS A 18 -12.44 -3.71 -30.55
C LYS A 18 -13.60 -2.94 -29.91
N GLU A 19 -14.67 -2.69 -30.70
CA GLU A 19 -15.88 -1.99 -30.27
C GLU A 19 -16.61 -2.78 -29.16
N LYS A 20 -16.72 -4.12 -29.30
CA LYS A 20 -17.36 -4.99 -28.29
C LYS A 20 -16.49 -5.03 -27.02
N VAL A 21 -15.15 -4.98 -27.20
CA VAL A 21 -14.21 -4.95 -26.08
C VAL A 21 -14.45 -3.65 -25.29
N GLU A 22 -14.55 -2.51 -26.00
CA GLU A 22 -14.77 -1.20 -25.35
C GLU A 22 -16.03 -1.17 -24.52
N GLN A 23 -17.10 -1.81 -25.00
CA GLN A 23 -18.39 -1.91 -24.32
C GLN A 23 -18.23 -2.65 -23.00
N ILE A 24 -17.41 -3.71 -22.99
CA ILE A 24 -17.14 -4.47 -21.78
C ILE A 24 -16.25 -3.65 -20.84
N LEU A 25 -15.18 -3.03 -21.39
CA LEU A 25 -14.24 -2.20 -20.63
C LEU A 25 -14.83 -0.94 -20.01
N ALA A 26 -15.92 -0.40 -20.62
CA ALA A 26 -16.65 0.79 -20.15
C ALA A 26 -17.15 0.65 -18.72
N GLU A 27 -17.35 -0.60 -18.25
CA GLU A 27 -17.80 -0.90 -16.88
C GLU A 27 -16.82 -0.39 -15.81
N PHE A 28 -15.56 -0.19 -16.17
CA PHE A 28 -14.50 0.26 -15.28
C PHE A 28 -14.52 1.78 -15.06
N GLN A 29 -15.21 2.51 -15.93
CA GLN A 29 -15.25 3.97 -15.87
C GLN A 29 -15.89 4.50 -14.62
N LEU A 30 -15.32 5.58 -14.11
CA LEU A 30 -15.84 6.32 -12.96
C LEU A 30 -15.89 7.79 -13.36
N GLN A 31 -17.06 8.42 -13.32
CA GLN A 31 -17.22 9.85 -13.65
C GLN A 31 -16.73 10.64 -12.44
N GLU A 32 -16.53 11.97 -12.63
CA GLU A 32 -16.08 12.87 -11.56
CA GLU A 32 -16.07 12.86 -11.57
C GLU A 32 -17.03 12.78 -10.38
N GLU A 33 -18.35 12.68 -10.66
CA GLU A 33 -19.38 12.60 -9.64
C GLU A 33 -19.31 11.32 -8.81
N ASP A 34 -18.96 10.18 -9.43
CA ASP A 34 -18.78 8.89 -8.73
C ASP A 34 -17.61 9.03 -7.77
N LEU A 35 -16.52 9.65 -8.25
CA LEU A 35 -15.34 9.86 -7.42
C LEU A 35 -15.61 10.79 -6.25
N LYS A 36 -16.44 11.84 -6.44
CA LYS A 36 -16.76 12.75 -5.33
C LYS A 36 -17.60 11.99 -4.32
N LYS A 37 -18.49 11.09 -4.81
CA LYS A 37 -19.30 10.26 -3.97
C LYS A 37 -18.40 9.34 -3.13
N VAL A 38 -17.42 8.67 -3.76
CA VAL A 38 -16.50 7.79 -3.04
C VAL A 38 -15.73 8.60 -1.98
N MET A 39 -15.22 9.79 -2.39
CA MET A 39 -14.51 10.72 -1.52
C MET A 39 -15.35 11.10 -0.32
N ARG A 40 -16.60 11.58 -0.54
CA ARG A 40 -17.48 11.91 0.59
C ARG A 40 -17.71 10.72 1.52
N ARG A 41 -17.91 9.51 0.96
CA ARG A 41 -18.15 8.29 1.77
C ARG A 41 -16.90 7.98 2.61
N MET A 42 -15.69 8.14 2.01
CA MET A 42 -14.40 7.94 2.69
CA MET A 42 -14.44 7.92 2.73
C MET A 42 -14.30 8.94 3.85
N GLN A 43 -14.64 10.20 3.60
CA GLN A 43 -14.54 11.23 4.66
C GLN A 43 -15.46 10.91 5.80
N LYS A 44 -16.66 10.43 5.45
CA LYS A 44 -17.67 10.04 6.42
C LYS A 44 -17.09 8.88 7.30
N GLU A 45 -16.46 7.89 6.66
CA GLU A 45 -15.85 6.76 7.40
C GLU A 45 -14.68 7.17 8.25
N MET A 46 -13.91 8.14 7.76
CA MET A 46 -12.77 8.67 8.54
C MET A 46 -13.27 9.36 9.79
N ASP A 47 -14.36 10.15 9.69
CA ASP A 47 -14.93 10.82 10.84
CA ASP A 47 -14.93 10.83 10.86
C ASP A 47 -15.36 9.77 11.85
N ARG A 48 -16.02 8.69 11.36
CA ARG A 48 -16.51 7.56 12.20
C ARG A 48 -15.37 6.84 12.95
N GLY A 49 -14.25 6.62 12.25
CA GLY A 49 -13.07 5.95 12.83
C GLY A 49 -12.41 6.71 13.96
N LEU A 50 -12.44 8.03 13.89
CA LEU A 50 -11.84 8.90 14.91
C LEU A 50 -12.62 9.03 16.19
N ARG A 51 -13.95 8.86 16.12
CA ARG A 51 -14.84 9.06 17.26
C ARG A 51 -15.01 7.83 18.12
N LEU A 52 -14.93 8.00 19.46
CA LEU A 52 -15.11 6.91 20.42
C LEU A 52 -16.44 6.15 20.21
N GLU A 53 -17.50 6.92 19.96
CA GLU A 53 -18.86 6.41 19.76
CA GLU A 53 -18.87 6.42 19.76
C GLU A 53 -18.98 5.44 18.58
N THR A 54 -18.25 5.70 17.47
CA THR A 54 -18.36 4.87 16.26
C THR A 54 -17.12 4.10 15.87
N HIS A 55 -16.00 4.28 16.59
CA HIS A 55 -14.74 3.63 16.26
C HIS A 55 -14.87 2.12 16.05
N GLU A 56 -15.51 1.41 17.00
CA GLU A 56 -15.61 -0.05 16.89
C GLU A 56 -16.33 -0.54 15.61
N GLU A 57 -17.34 0.21 15.15
CA GLU A 57 -18.04 -0.19 13.92
C GLU A 57 -17.45 0.37 12.62
N ALA A 58 -16.59 1.39 12.70
CA ALA A 58 -16.01 2.03 11.51
C ALA A 58 -15.17 1.06 10.67
N SER A 59 -15.39 0.98 9.34
CA SER A 59 -14.54 0.13 8.46
C SER A 59 -13.15 0.77 8.30
N VAL A 60 -13.08 2.11 8.39
CA VAL A 60 -11.81 2.83 8.26
C VAL A 60 -11.37 3.16 9.68
N LYS A 61 -10.36 2.41 10.15
CA LYS A 61 -9.99 2.43 11.56
C LYS A 61 -9.33 3.65 12.12
N MET A 62 -8.65 4.46 11.30
CA MET A 62 -8.06 5.73 11.78
C MET A 62 -7.26 5.47 13.06
N LEU A 63 -6.33 4.52 13.02
CA LEU A 63 -5.60 4.15 14.22
C LEU A 63 -4.57 5.15 14.73
N PRO A 64 -4.64 5.58 16.01
CA PRO A 64 -3.59 6.47 16.54
C PRO A 64 -2.24 5.73 16.56
N THR A 65 -1.18 6.39 16.04
CA THR A 65 0.15 5.77 15.93
C THR A 65 1.10 6.16 17.07
N TYR A 66 0.73 7.19 17.85
CA TYR A 66 1.58 7.72 18.92
C TYR A 66 2.83 8.44 18.41
N VAL A 67 2.87 8.69 17.09
CA VAL A 67 3.90 9.51 16.44
C VAL A 67 3.29 10.92 16.51
N ARG A 68 3.93 11.81 17.30
CA ARG A 68 3.44 13.17 17.54
C ARG A 68 4.26 14.25 16.86
N SER A 69 3.68 15.46 16.70
CA SER A 69 4.43 16.61 16.21
C SER A 69 5.34 16.92 17.43
N THR A 70 6.63 17.13 17.21
CA THR A 70 7.61 17.39 18.30
C THR A 70 8.39 18.72 17.98
N PRO A 71 9.58 19.12 18.54
CA PRO A 71 10.55 18.44 19.42
C PRO A 71 10.64 18.96 20.88
N GLU A 72 11.23 18.19 21.83
CA GLU A 72 11.77 16.83 21.65
C GLU A 72 13.01 16.47 22.47
N GLY A 73 13.93 15.79 21.80
CA GLY A 73 15.20 15.27 22.31
C GLY A 73 15.74 14.29 21.28
N SER A 74 16.49 14.82 20.28
CA SER A 74 17.02 14.03 19.18
C SER A 74 18.33 13.31 19.51
N GLU A 75 18.42 12.03 19.09
CA GLU A 75 19.60 11.19 19.30
C GLU A 75 20.39 11.07 18.00
N VAL A 76 21.73 11.05 18.11
CA VAL A 76 22.63 10.88 16.98
C VAL A 76 23.24 9.47 17.05
N GLY A 77 23.79 8.99 15.94
CA GLY A 77 24.45 7.69 15.89
C GLY A 77 23.78 6.63 15.04
N ASP A 78 24.02 5.35 15.38
CA ASP A 78 23.51 4.20 14.65
C ASP A 78 22.19 3.66 15.16
N PHE A 79 21.30 3.37 14.23
CA PHE A 79 19.96 2.86 14.51
C PHE A 79 19.67 1.72 13.55
N LEU A 80 19.05 0.64 14.03
CA LEU A 80 18.68 -0.43 13.11
C LEU A 80 17.20 -0.30 12.72
N SER A 81 16.88 -0.47 11.43
CA SER A 81 15.47 -0.44 10.97
C SER A 81 15.15 -1.82 10.46
N LEU A 82 13.95 -2.32 10.73
CA LEU A 82 13.42 -3.57 10.21
C LEU A 82 12.21 -3.18 9.41
N ASP A 83 11.93 -3.91 8.33
CA ASP A 83 10.77 -3.61 7.53
C ASP A 83 10.12 -4.88 7.08
N LEU A 84 8.93 -5.13 7.64
CA LEU A 84 8.14 -6.29 7.29
C LEU A 84 6.79 -5.86 6.77
N GLY A 85 6.39 -6.38 5.61
CA GLY A 85 5.05 -6.06 5.13
C GLY A 85 4.82 -6.29 3.66
N GLY A 86 5.92 -6.38 2.93
CA GLY A 86 5.93 -6.77 1.52
C GLY A 86 6.15 -8.28 1.49
N THR A 87 6.65 -8.78 0.36
CA THR A 87 7.00 -10.19 0.19
C THR A 87 8.41 -10.37 0.77
N ASN A 88 9.17 -9.24 0.85
CA ASN A 88 10.52 -9.21 1.37
C ASN A 88 10.63 -8.54 2.73
N PHE A 89 11.68 -8.90 3.46
CA PHE A 89 11.96 -8.36 4.77
C PHE A 89 13.28 -7.62 4.64
N ARG A 90 13.34 -6.37 5.15
CA ARG A 90 14.55 -5.58 5.01
C ARG A 90 15.13 -5.14 6.33
N VAL A 91 16.45 -5.21 6.42
CA VAL A 91 17.21 -4.78 7.59
C VAL A 91 18.15 -3.69 7.07
N MET A 92 18.19 -2.60 7.81
CA MET A 92 18.95 -1.42 7.42
C MET A 92 19.63 -0.84 8.65
N LEU A 93 20.88 -0.38 8.49
CA LEU A 93 21.62 0.33 9.54
C LEU A 93 21.67 1.76 9.05
N VAL A 94 21.22 2.70 9.89
CA VAL A 94 21.15 4.11 9.55
C VAL A 94 22.02 4.91 10.51
N LYS A 95 22.84 5.81 9.95
CA LYS A 95 23.72 6.69 10.71
C LYS A 95 23.10 8.09 10.69
N VAL A 96 22.68 8.59 11.86
CA VAL A 96 22.06 9.91 11.99
C VAL A 96 23.08 10.88 12.62
N GLY A 97 23.36 11.96 11.88
CA GLY A 97 24.28 13.01 12.28
C GLY A 97 23.60 14.36 12.29
N GLU A 98 24.05 15.27 13.19
CA GLU A 98 23.53 16.63 13.43
C GLU A 98 22.09 16.58 13.96
N SER A 105 20.41 12.01 7.59
CA SER A 105 20.69 10.59 7.83
C SER A 105 21.21 9.91 6.56
N VAL A 106 22.10 8.92 6.74
CA VAL A 106 22.62 8.15 5.61
C VAL A 106 22.49 6.62 5.78
N LYS A 107 21.80 5.97 4.80
CA LYS A 107 21.59 4.51 4.72
C LYS A 107 22.97 3.92 4.47
N THR A 108 23.67 3.58 5.56
CA THR A 108 25.03 3.06 5.50
C THR A 108 25.06 1.61 5.05
N LYS A 109 24.14 0.78 5.58
CA LYS A 109 24.08 -0.64 5.27
C LYS A 109 22.64 -1.12 5.06
N HIS A 110 22.44 -2.09 4.15
CA HIS A 110 21.12 -2.60 3.81
C HIS A 110 21.19 -4.05 3.32
N GLN A 111 20.20 -4.87 3.70
CA GLN A 111 20.06 -6.24 3.24
C GLN A 111 18.60 -6.59 3.21
N MET A 112 18.18 -7.20 2.08
CA MET A 112 16.83 -7.66 1.86
CA MET A 112 16.82 -7.67 1.93
C MET A 112 16.80 -9.18 1.89
N TYR A 113 15.74 -9.76 2.46
CA TYR A 113 15.56 -11.21 2.56
C TYR A 113 14.21 -11.59 2.07
N SER A 114 14.15 -12.67 1.32
CA SER A 114 12.90 -13.20 0.80
C SER A 114 12.29 -14.02 1.92
N ILE A 115 11.02 -13.80 2.24
CA ILE A 115 10.38 -14.55 3.31
C ILE A 115 9.84 -15.87 2.74
N PRO A 116 10.21 -17.05 3.29
CA PRO A 116 9.63 -18.31 2.78
C PRO A 116 8.11 -18.31 2.93
N GLU A 117 7.40 -18.95 1.97
CA GLU A 117 5.93 -19.03 1.97
C GLU A 117 5.40 -19.67 3.24
N ASP A 118 6.14 -20.66 3.77
CA ASP A 118 5.85 -21.38 5.02
C ASP A 118 5.93 -20.47 6.27
N ALA A 119 6.66 -19.34 6.19
CA ALA A 119 6.79 -18.40 7.31
C ALA A 119 5.66 -17.34 7.33
N MET A 120 5.09 -17.01 6.16
CA MET A 120 4.00 -16.03 6.08
C MET A 120 2.63 -16.62 6.44
N THR A 121 2.50 -17.95 6.24
CA THR A 121 1.28 -18.73 6.43
C THR A 121 1.38 -19.82 7.49
N GLY A 122 2.56 -20.00 8.11
CA GLY A 122 2.77 -20.95 9.19
C GLY A 122 2.40 -20.33 10.52
N THR A 123 3.27 -20.43 11.53
CA THR A 123 2.98 -19.87 12.86
C THR A 123 3.70 -18.55 13.04
N ALA A 124 3.26 -17.69 13.98
CA ALA A 124 3.97 -16.41 14.26
C ALA A 124 5.42 -16.74 14.72
N GLU A 125 5.58 -17.83 15.53
CA GLU A 125 6.88 -18.30 15.98
C GLU A 125 7.85 -18.53 14.81
N MET A 126 7.41 -19.21 13.73
CA MET A 126 8.21 -19.46 12.53
C MET A 126 8.56 -18.15 11.84
N LEU A 127 7.58 -17.25 11.68
CA LEU A 127 7.79 -15.96 11.02
C LEU A 127 8.83 -15.10 11.76
N PHE A 128 8.63 -14.91 13.09
CA PHE A 128 9.54 -14.13 13.91
C PHE A 128 10.89 -14.80 14.13
N ASP A 129 10.95 -16.14 14.07
CA ASP A 129 12.23 -16.88 14.13
C ASP A 129 13.01 -16.58 12.86
N TYR A 130 12.32 -16.50 11.73
CA TYR A 130 12.96 -16.19 10.44
C TYR A 130 13.49 -14.76 10.45
N ILE A 131 12.68 -13.82 10.97
CA ILE A 131 13.06 -12.44 11.07
C ILE A 131 14.33 -12.34 11.92
N SER A 132 14.35 -13.04 13.10
CA SER A 132 15.53 -13.04 13.99
C SER A 132 16.77 -13.61 13.32
N GLU A 133 16.60 -14.68 12.54
CA GLU A 133 17.71 -15.29 11.78
C GLU A 133 18.29 -14.27 10.77
N CYS A 134 17.43 -13.50 10.06
CA CYS A 134 17.81 -12.45 9.08
C CYS A 134 18.58 -11.34 9.79
N ILE A 135 18.12 -10.93 11.00
CA ILE A 135 18.83 -9.91 11.79
C ILE A 135 20.24 -10.41 12.13
N SER A 136 20.38 -11.66 12.62
CA SER A 136 21.73 -12.23 12.85
C SER A 136 22.61 -12.19 11.58
N ASP A 137 22.01 -12.53 10.41
CA ASP A 137 22.72 -12.56 9.12
C ASP A 137 23.28 -11.18 8.76
N PHE A 138 22.44 -10.16 8.93
CA PHE A 138 22.80 -8.78 8.67
C PHE A 138 23.91 -8.31 9.58
N LEU A 139 23.75 -8.56 10.89
CA LEU A 139 24.74 -8.15 11.87
C LEU A 139 26.10 -8.75 11.59
N ASP A 140 26.15 -10.03 11.12
CA ASP A 140 27.40 -10.74 10.78
C ASP A 140 28.07 -10.18 9.53
N LYS A 141 27.27 -9.82 8.50
CA LYS A 141 27.77 -9.25 7.24
C LYS A 141 28.48 -7.92 7.47
N HIS A 142 28.13 -7.21 8.55
CA HIS A 142 28.71 -5.92 8.92
C HIS A 142 29.48 -5.94 10.25
N GLN A 143 29.72 -7.16 10.81
CA GLN A 143 30.45 -7.42 12.08
C GLN A 143 29.96 -6.48 13.19
N MET A 144 28.68 -6.63 13.57
CA MET A 144 28.05 -5.77 14.59
C MET A 144 27.03 -6.45 15.50
N LYS A 145 27.05 -7.80 15.60
CA LYS A 145 26.13 -8.56 16.46
C LYS A 145 26.28 -8.23 17.95
N HIS A 146 27.51 -7.86 18.36
CA HIS A 146 27.86 -7.50 19.74
C HIS A 146 27.33 -6.13 20.17
N LYS A 147 27.06 -5.24 19.21
CA LYS A 147 26.54 -3.91 19.52
C LYS A 147 25.02 -3.96 19.62
N LYS A 148 24.49 -3.54 20.77
CA LYS A 148 23.07 -3.47 21.10
C LYS A 148 22.62 -2.08 20.66
N LEU A 149 21.90 -2.01 19.53
CA LEU A 149 21.46 -0.74 18.98
C LEU A 149 19.97 -0.49 19.20
N PRO A 150 19.50 0.79 19.18
CA PRO A 150 18.06 1.04 19.24
C PRO A 150 17.48 0.56 17.90
N LEU A 151 16.30 -0.05 17.93
CA LEU A 151 15.67 -0.63 16.76
C LEU A 151 14.30 -0.04 16.48
N GLY A 152 14.10 0.37 15.23
CA GLY A 152 12.84 0.86 14.72
C GLY A 152 12.25 -0.22 13.84
N PHE A 153 10.96 -0.54 14.05
CA PHE A 153 10.28 -1.61 13.31
C PHE A 153 9.13 -1.10 12.43
N THR A 154 9.32 -1.12 11.11
CA THR A 154 8.24 -0.80 10.18
C THR A 154 7.51 -2.14 9.98
N PHE A 155 6.25 -2.15 10.37
CA PHE A 155 5.39 -3.32 10.34
C PHE A 155 4.11 -2.89 9.66
N SER A 156 3.98 -3.31 8.39
CA SER A 156 2.93 -2.81 7.47
C SER A 156 1.59 -3.52 7.57
N PHE A 157 1.00 -3.53 8.77
CA PHE A 157 -0.29 -4.19 9.00
C PHE A 157 -1.08 -3.40 10.02
N PRO A 158 -2.43 -3.54 10.09
CA PRO A 158 -3.21 -2.78 11.10
C PRO A 158 -2.86 -3.16 12.53
N VAL A 159 -2.45 -2.13 13.30
CA VAL A 159 -2.07 -2.23 14.70
C VAL A 159 -2.80 -1.23 15.59
N ARG A 160 -3.31 -1.74 16.72
CA ARG A 160 -3.90 -0.89 17.73
CA ARG A 160 -3.90 -0.89 17.73
C ARG A 160 -2.78 -0.60 18.72
N HIS A 161 -2.27 0.63 18.70
CA HIS A 161 -1.18 1.04 19.59
C HIS A 161 -1.62 1.44 20.95
N GLU A 162 -0.76 1.20 21.94
CA GLU A 162 -0.95 1.64 23.31
C GLU A 162 0.11 2.72 23.50
N ASP A 163 1.17 2.66 22.67
CA ASP A 163 2.26 3.63 22.70
C ASP A 163 3.09 3.46 21.43
N ILE A 164 4.18 4.23 21.29
CA ILE A 164 5.07 4.18 20.14
C ILE A 164 5.75 2.82 19.95
N ASP A 165 5.95 2.07 21.05
CA ASP A 165 6.65 0.78 21.06
C ASP A 165 5.77 -0.39 21.51
N LYS A 166 4.46 -0.22 21.51
CA LYS A 166 3.55 -1.27 21.96
C LYS A 166 2.26 -1.19 21.19
N GLY A 167 1.94 -2.31 20.57
CA GLY A 167 0.74 -2.39 19.76
C GLY A 167 0.38 -3.80 19.39
N ILE A 168 -0.93 -4.04 19.30
CA ILE A 168 -1.46 -5.35 18.96
C ILE A 168 -1.87 -5.43 17.49
N LEU A 169 -1.60 -6.59 16.89
CA LEU A 169 -1.99 -6.83 15.51
C LEU A 169 -3.50 -7.08 15.48
N LEU A 170 -4.23 -6.26 14.69
CA LEU A 170 -5.69 -6.40 14.58
C LEU A 170 -6.02 -7.56 13.66
N ASN A 171 -5.38 -7.59 12.50
CA ASN A 171 -5.50 -8.67 11.54
C ASN A 171 -4.49 -8.56 10.45
N TRP A 172 -4.08 -9.72 9.91
CA TRP A 172 -3.18 -9.75 8.79
C TRP A 172 -3.95 -9.26 7.56
N THR A 173 -3.20 -8.70 6.61
CA THR A 173 -3.72 -8.28 5.31
C THR A 173 -2.70 -8.79 4.29
N LYS A 174 -3.00 -8.61 2.99
CA LYS A 174 -2.10 -8.93 1.88
C LYS A 174 -1.64 -10.40 1.85
N GLY A 175 -2.48 -11.33 2.33
CA GLY A 175 -2.11 -12.75 2.24
C GLY A 175 -1.30 -13.29 3.39
N PHE A 176 -0.88 -12.42 4.32
CA PHE A 176 -0.18 -12.94 5.49
C PHE A 176 -1.21 -13.71 6.30
N LYS A 177 -0.81 -14.81 6.93
CA LYS A 177 -1.78 -15.60 7.71
C LYS A 177 -1.20 -16.32 8.93
N ALA A 178 0.03 -15.98 9.34
CA ALA A 178 0.69 -16.63 10.50
C ALA A 178 -0.15 -16.66 11.78
N SER A 179 -0.39 -17.88 12.32
CA SER A 179 -1.22 -18.07 13.49
C SER A 179 -0.50 -17.57 14.74
N GLY A 180 -1.26 -17.21 15.77
CA GLY A 180 -0.71 -16.77 17.05
C GLY A 180 -0.16 -15.35 17.02
N ALA A 181 -0.53 -14.57 15.99
CA ALA A 181 -0.07 -13.18 15.85
C ALA A 181 -1.19 -12.19 16.20
N GLU A 182 -2.38 -12.37 15.63
CA GLU A 182 -3.53 -11.47 15.84
C GLU A 182 -3.94 -11.38 17.30
N GLY A 183 -4.12 -10.17 17.80
CA GLY A 183 -4.46 -9.97 19.20
C GLY A 183 -3.24 -9.88 20.10
N ASN A 184 -2.01 -10.11 19.56
CA ASN A 184 -0.79 -10.06 20.37
C ASN A 184 0.07 -8.83 20.12
N ASN A 185 0.85 -8.43 21.14
CA ASN A 185 1.79 -7.30 21.05
C ASN A 185 2.89 -7.68 20.05
N VAL A 186 2.93 -6.97 18.92
CA VAL A 186 3.89 -7.27 17.84
C VAL A 186 5.31 -7.05 18.27
N VAL A 187 5.55 -6.00 19.07
CA VAL A 187 6.91 -5.76 19.59
C VAL A 187 7.31 -6.95 20.47
N GLY A 188 6.37 -7.45 21.27
CA GLY A 188 6.58 -8.63 22.12
C GLY A 188 6.94 -9.86 21.32
N LEU A 189 6.23 -10.11 20.18
CA LEU A 189 6.53 -11.26 19.31
C LEU A 189 7.98 -11.20 18.78
N LEU A 190 8.39 -10.02 18.32
CA LEU A 190 9.75 -9.75 17.83
C LEU A 190 10.74 -9.94 18.98
N ARG A 191 10.52 -9.27 20.14
CA ARG A 191 11.41 -9.42 21.32
C ARG A 191 11.53 -10.87 21.75
N ASP A 192 10.40 -11.63 21.79
CA ASP A 192 10.45 -13.04 22.22
C ASP A 192 11.30 -13.88 21.27
N ALA A 193 11.20 -13.65 19.94
CA ALA A 193 11.99 -14.41 18.95
C ALA A 193 13.48 -14.08 19.06
N ILE A 194 13.83 -12.80 19.31
CA ILE A 194 15.24 -12.40 19.47
C ILE A 194 15.81 -13.12 20.70
N LYS A 195 15.01 -13.20 21.78
CA LYS A 195 15.42 -13.87 23.01
C LYS A 195 15.55 -15.38 22.83
N ARG A 196 14.64 -16.03 22.04
CA ARG A 196 14.77 -17.48 21.86
C ARG A 196 16.06 -17.81 21.09
N ARG A 197 16.48 -16.94 20.15
CA ARG A 197 17.70 -17.19 19.38
C ARG A 197 18.93 -16.96 20.29
N GLY A 198 18.93 -15.84 21.02
CA GLY A 198 20.00 -15.52 21.97
C GLY A 198 21.37 -15.18 21.43
N ASP A 199 21.50 -14.79 20.16
CA ASP A 199 22.83 -14.46 19.65
C ASP A 199 23.09 -12.97 19.33
N PHE A 200 22.14 -12.10 19.69
CA PHE A 200 22.24 -10.65 19.58
C PHE A 200 21.23 -9.97 20.51
N GLU A 201 21.42 -8.68 20.76
CA GLU A 201 20.51 -7.88 21.57
C GLU A 201 20.19 -6.57 20.89
N MET A 202 18.92 -6.16 20.98
CA MET A 202 18.43 -4.92 20.39
C MET A 202 17.37 -4.35 21.31
N ASP A 203 17.32 -3.01 21.36
CA ASP A 203 16.30 -2.29 22.12
C ASP A 203 15.27 -1.81 21.09
N VAL A 204 14.08 -2.46 21.04
CA VAL A 204 13.00 -2.06 20.12
C VAL A 204 12.34 -0.83 20.75
N VAL A 205 12.56 0.34 20.15
CA VAL A 205 12.09 1.60 20.70
C VAL A 205 10.85 2.19 19.99
N ALA A 206 10.56 1.72 18.77
CA ALA A 206 9.39 2.23 18.04
C ALA A 206 8.90 1.21 17.07
N MET A 207 7.60 1.19 16.86
CA MET A 207 7.03 0.37 15.81
C MET A 207 6.08 1.27 15.04
N VAL A 208 6.27 1.33 13.71
CA VAL A 208 5.47 2.24 12.85
C VAL A 208 4.92 1.52 11.61
N ASN A 209 3.78 1.99 11.08
CA ASN A 209 3.23 1.51 9.83
C ASN A 209 4.16 2.02 8.70
N ASP A 210 4.12 1.38 7.50
CA ASP A 210 4.98 1.85 6.41
C ASP A 210 4.56 3.22 5.89
N THR A 211 3.24 3.56 5.95
CA THR A 211 2.80 4.89 5.52
C THR A 211 3.49 5.92 6.43
N VAL A 212 3.55 5.61 7.72
CA VAL A 212 4.11 6.48 8.77
C VAL A 212 5.63 6.64 8.58
N ALA A 213 6.32 5.53 8.40
CA ALA A 213 7.78 5.55 8.13
C ALA A 213 8.05 6.40 6.88
N THR A 214 7.23 6.22 5.82
CA THR A 214 7.38 6.99 4.57
C THR A 214 7.19 8.48 4.83
N MET A 215 6.16 8.83 5.58
CA MET A 215 5.88 10.24 5.90
C MET A 215 7.07 10.85 6.67
N ILE A 216 7.55 10.15 7.70
CA ILE A 216 8.65 10.61 8.56
C ILE A 216 9.92 10.86 7.70
N SER A 217 10.31 9.89 6.84
N SER A 217 10.30 9.89 6.84
CA SER A 217 11.50 10.03 5.97
CA SER A 217 11.48 9.98 5.96
C SER A 217 11.40 11.25 5.06
C SER A 217 11.40 11.21 5.04
N CYS A 218 10.20 11.50 4.51
CA CYS A 218 9.95 12.66 3.64
C CYS A 218 9.87 13.96 4.43
N TYR A 219 9.32 13.91 5.67
CA TYR A 219 9.24 15.07 6.56
C TYR A 219 10.64 15.56 6.94
N TYR A 220 11.58 14.62 7.14
CA TYR A 220 12.96 14.94 7.49
C TYR A 220 13.56 15.90 6.44
N GLU A 221 13.24 15.71 5.14
CA GLU A 221 13.70 16.53 4.02
C GLU A 221 12.85 17.82 3.88
N ASP A 222 11.54 17.69 4.05
CA ASP A 222 10.56 18.77 3.86
C ASP A 222 9.54 18.72 5.01
N HIS A 223 9.52 19.76 5.87
CA HIS A 223 8.60 19.85 7.01
C HIS A 223 7.14 20.05 6.65
N GLN A 224 6.83 20.36 5.39
CA GLN A 224 5.41 20.46 4.99
C GLN A 224 4.83 19.04 4.74
N CYS A 225 5.67 17.98 4.78
CA CYS A 225 5.17 16.63 4.61
C CYS A 225 4.48 16.08 5.85
N GLU A 226 3.15 16.01 5.82
CA GLU A 226 2.34 15.52 6.94
C GLU A 226 1.33 14.48 6.47
N VAL A 227 1.64 13.80 5.36
CA VAL A 227 0.77 12.76 4.79
C VAL A 227 1.75 11.74 4.24
N GLY A 228 1.45 10.48 4.49
CA GLY A 228 2.22 9.38 3.91
C GLY A 228 1.26 8.48 3.15
N MET A 229 1.68 7.97 2.01
CA MET A 229 0.85 7.06 1.22
C MET A 229 1.67 5.94 0.64
N ILE A 230 1.08 4.77 0.60
CA ILE A 230 1.67 3.59 -0.01
C ILE A 230 0.74 3.10 -1.12
N VAL A 231 1.31 2.85 -2.31
CA VAL A 231 0.57 2.20 -3.40
C VAL A 231 1.55 1.14 -3.94
N GLY A 232 1.65 0.03 -3.22
CA GLY A 232 2.58 -1.05 -3.54
C GLY A 232 1.77 -2.31 -3.64
N THR A 233 2.15 -3.34 -2.90
CA THR A 233 1.37 -4.60 -2.80
C THR A 233 -0.01 -4.25 -2.24
N GLY A 234 -0.02 -3.41 -1.22
CA GLY A 234 -1.25 -2.91 -0.60
C GLY A 234 -1.36 -1.42 -0.82
N CYS A 235 -2.43 -0.80 -0.28
CA CYS A 235 -2.64 0.64 -0.46
C CYS A 235 -3.18 1.21 0.83
N ASN A 236 -2.52 2.24 1.35
CA ASN A 236 -2.94 2.82 2.61
C ASN A 236 -2.43 4.26 2.72
N ALA A 237 -2.91 5.02 3.73
CA ALA A 237 -2.40 6.35 3.97
C ALA A 237 -2.44 6.71 5.43
N CYS A 238 -1.55 7.63 5.84
CA CYS A 238 -1.54 8.19 7.18
C CYS A 238 -1.45 9.68 7.06
N TYR A 239 -1.80 10.40 8.12
CA TYR A 239 -1.71 11.86 8.12
C TYR A 239 -1.65 12.39 9.55
N MET A 240 -1.16 13.63 9.70
CA MET A 240 -1.06 14.30 10.99
C MET A 240 -2.40 14.92 11.32
N GLU A 241 -3.11 14.30 12.26
CA GLU A 241 -4.42 14.76 12.69
C GLU A 241 -4.30 15.66 13.92
N GLU A 242 -5.26 16.57 14.13
CA GLU A 242 -5.24 17.41 15.33
C GLU A 242 -5.55 16.52 16.55
N MET A 243 -4.78 16.65 17.64
CA MET A 243 -5.02 15.81 18.82
C MET A 243 -6.46 15.90 19.34
N GLN A 244 -7.13 17.08 19.18
CA GLN A 244 -8.53 17.25 19.63
C GLN A 244 -9.49 16.35 18.86
N ASN A 245 -9.10 15.93 17.64
CA ASN A 245 -9.96 15.09 16.82
C ASN A 245 -9.65 13.62 17.04
N VAL A 246 -8.50 13.33 17.67
CA VAL A 246 -8.12 11.97 17.98
C VAL A 246 -8.75 11.64 19.34
N GLU A 247 -10.04 11.28 19.33
CA GLU A 247 -10.76 10.99 20.57
C GLU A 247 -10.21 9.77 21.32
N LEU A 248 -9.56 8.84 20.62
CA LEU A 248 -9.00 7.63 21.24
C LEU A 248 -7.74 7.90 22.08
N VAL A 249 -7.20 9.12 22.02
CA VAL A 249 -6.02 9.47 22.80
C VAL A 249 -6.28 10.76 23.59
N GLU A 250 -6.19 10.67 24.93
CA GLU A 250 -6.40 11.81 25.81
C GLU A 250 -5.45 12.93 25.44
N GLY A 251 -5.97 14.14 25.31
CA GLY A 251 -5.20 15.34 24.97
C GLY A 251 -5.69 16.02 23.71
N ASP A 252 -5.60 17.36 23.70
CA ASP A 252 -6.02 18.17 22.56
C ASP A 252 -4.88 19.03 22.03
N GLU A 253 -3.66 18.83 22.52
CA GLU A 253 -2.52 19.64 22.13
C GLU A 253 -1.70 19.05 21.01
N GLY A 254 -1.41 19.85 19.99
CA GLY A 254 -0.55 19.40 18.89
C GLY A 254 -1.25 18.40 18.00
N ARG A 255 -0.43 17.57 17.33
CA ARG A 255 -0.91 16.62 16.34
C ARG A 255 -0.36 15.23 16.58
N MET A 256 -1.07 14.24 16.05
CA MET A 256 -0.64 12.86 16.10
C MET A 256 -0.96 12.24 14.77
N CYS A 257 -0.06 11.41 14.31
CA CYS A 257 -0.25 10.72 13.06
C CYS A 257 -1.32 9.66 13.27
N VAL A 258 -2.19 9.56 12.29
CA VAL A 258 -3.28 8.60 12.26
C VAL A 258 -3.07 7.68 11.06
N ASN A 259 -3.05 6.40 11.30
CA ASN A 259 -2.91 5.37 10.25
C ASN A 259 -4.37 5.09 9.80
N THR A 260 -4.80 5.62 8.63
CA THR A 260 -6.21 5.41 8.23
C THR A 260 -6.66 3.95 8.12
N GLU A 261 -5.79 3.10 7.59
CA GLU A 261 -6.11 1.73 7.19
C GLU A 261 -7.27 1.78 6.18
N TRP A 262 -7.18 2.71 5.24
CA TRP A 262 -8.24 2.93 4.26
C TRP A 262 -8.48 1.76 3.34
N GLY A 263 -7.57 0.81 3.31
CA GLY A 263 -7.71 -0.38 2.48
C GLY A 263 -9.01 -1.12 2.79
N ALA A 264 -9.47 -1.02 4.06
CA ALA A 264 -10.70 -1.66 4.58
C ALA A 264 -11.97 -0.86 4.28
N PHE A 265 -11.83 0.32 3.66
CA PHE A 265 -13.03 1.06 3.21
C PHE A 265 -13.82 0.16 2.22
N GLY A 266 -15.15 0.12 2.33
CA GLY A 266 -15.91 -0.76 1.47
C GLY A 266 -16.31 -2.07 2.14
N ASP A 267 -15.63 -2.43 3.25
CA ASP A 267 -15.88 -3.68 4.00
C ASP A 267 -17.26 -3.73 4.66
N SER A 268 -17.89 -2.55 4.82
CA SER A 268 -19.25 -2.36 5.34
C SER A 268 -20.25 -2.05 4.20
N GLY A 269 -19.87 -2.31 2.94
CA GLY A 269 -20.74 -2.10 1.78
C GLY A 269 -20.66 -0.73 1.11
N GLU A 270 -19.75 0.15 1.58
CA GLU A 270 -19.65 1.53 1.06
C GLU A 270 -19.22 1.65 -0.40
N LEU A 271 -18.72 0.56 -1.02
CA LEU A 271 -18.30 0.55 -2.43
C LEU A 271 -19.15 -0.37 -3.29
N ASP A 272 -20.20 -0.99 -2.71
CA ASP A 272 -21.03 -2.00 -3.41
C ASP A 272 -21.43 -1.70 -4.84
N GLU A 273 -21.93 -0.50 -5.12
CA GLU A 273 -22.37 -0.15 -6.47
C GLU A 273 -21.23 -0.10 -7.52
N PHE A 274 -19.97 -0.05 -7.07
CA PHE A 274 -18.83 0.05 -8.00
C PHE A 274 -18.12 -1.29 -8.20
N LEU A 275 -18.42 -2.28 -7.36
CA LEU A 275 -17.75 -3.58 -7.43
C LEU A 275 -18.24 -4.37 -8.66
N LEU A 276 -17.29 -4.85 -9.47
CA LEU A 276 -17.60 -5.58 -10.68
C LEU A 276 -17.43 -7.06 -10.42
N GLU A 277 -17.88 -7.89 -11.35
CA GLU A 277 -17.71 -9.33 -11.24
C GLU A 277 -16.23 -9.70 -10.98
N TYR A 278 -15.27 -9.00 -11.63
CA TYR A 278 -13.84 -9.31 -11.47
C TYR A 278 -13.41 -9.07 -10.04
N ASP A 279 -13.95 -8.01 -9.42
CA ASP A 279 -13.65 -7.67 -8.03
C ASP A 279 -14.16 -8.72 -7.07
N ARG A 280 -15.36 -9.23 -7.31
CA ARG A 280 -15.95 -10.28 -6.49
C ARG A 280 -15.10 -11.57 -6.58
N LEU A 281 -14.61 -11.92 -7.80
CA LEU A 281 -13.79 -13.10 -7.99
C LEU A 281 -12.43 -12.99 -7.30
N VAL A 282 -11.75 -11.84 -7.43
CA VAL A 282 -10.49 -11.62 -6.74
C VAL A 282 -10.71 -11.77 -5.23
N ASP A 283 -11.75 -11.11 -4.70
CA ASP A 283 -12.03 -11.16 -3.27
C ASP A 283 -12.27 -12.59 -2.77
N GLU A 284 -13.17 -13.32 -3.45
CA GLU A 284 -13.54 -14.70 -3.08
C GLU A 284 -12.37 -15.69 -3.12
N SER A 285 -11.38 -15.43 -3.99
CA SER A 285 -10.20 -16.31 -4.09
C SER A 285 -9.03 -15.80 -3.23
N SER A 286 -9.21 -14.68 -2.50
CA SER A 286 -8.11 -14.12 -1.69
C SER A 286 -7.98 -14.83 -0.35
N ALA A 287 -6.91 -14.53 0.41
CA ALA A 287 -6.72 -15.06 1.75
C ALA A 287 -7.68 -14.40 2.78
N ASN A 288 -8.20 -13.18 2.48
CA ASN A 288 -9.08 -12.44 3.38
C ASN A 288 -10.39 -12.07 2.69
N PRO A 289 -11.26 -13.04 2.32
CA PRO A 289 -12.52 -12.66 1.64
C PRO A 289 -13.38 -11.69 2.42
N GLY A 290 -13.90 -10.69 1.73
CA GLY A 290 -14.74 -9.67 2.33
C GLY A 290 -13.98 -8.57 3.05
N GLN A 291 -12.64 -8.65 3.07
CA GLN A 291 -11.83 -7.62 3.77
C GLN A 291 -10.94 -6.89 2.81
N GLN A 292 -10.57 -5.66 3.16
CA GLN A 292 -9.66 -4.80 2.35
C GLN A 292 -10.22 -4.59 0.94
N LEU A 293 -11.53 -4.33 0.82
CA LEU A 293 -12.10 -4.19 -0.52
C LEU A 293 -11.60 -3.02 -1.34
N TYR A 294 -11.39 -1.86 -0.70
CA TYR A 294 -10.89 -0.68 -1.43
C TYR A 294 -9.47 -0.97 -1.90
N GLU A 295 -8.65 -1.57 -1.01
CA GLU A 295 -7.29 -1.95 -1.35
C GLU A 295 -7.29 -2.93 -2.56
N LYS A 296 -8.28 -3.82 -2.62
CA LYS A 296 -8.39 -4.80 -3.70
C LYS A 296 -8.64 -4.16 -5.08
N LEU A 297 -9.10 -2.88 -5.09
CA LEU A 297 -9.29 -2.15 -6.36
C LEU A 297 -7.99 -1.52 -6.83
N ILE A 298 -6.99 -1.38 -5.94
CA ILE A 298 -5.80 -0.60 -6.26
C ILE A 298 -4.48 -1.36 -6.17
N GLY A 299 -4.30 -2.10 -5.08
CA GLY A 299 -3.03 -2.72 -4.70
C GLY A 299 -2.42 -3.62 -5.74
N GLY A 300 -1.08 -3.63 -5.80
CA GLY A 300 -0.33 -4.48 -6.73
C GLY A 300 -0.50 -5.96 -6.44
N LYS A 301 -0.94 -6.33 -5.21
CA LYS A 301 -1.18 -7.76 -5.00
C LYS A 301 -2.38 -8.23 -5.89
N TYR A 302 -3.28 -7.31 -6.26
CA TYR A 302 -4.52 -7.70 -6.97
C TYR A 302 -4.65 -7.21 -8.39
N MET A 303 -3.92 -6.17 -8.76
CA MET A 303 -4.07 -5.51 -10.08
C MET A 303 -3.88 -6.44 -11.28
N GLY A 304 -2.78 -7.19 -11.31
CA GLY A 304 -2.53 -8.13 -12.39
C GLY A 304 -3.62 -9.19 -12.48
N GLU A 305 -4.06 -9.68 -11.32
CA GLU A 305 -5.11 -10.68 -11.22
C GLU A 305 -6.43 -10.14 -11.80
N LEU A 306 -6.75 -8.83 -11.55
CA LEU A 306 -7.96 -8.23 -12.13
C LEU A 306 -7.82 -8.24 -13.66
N VAL A 307 -6.64 -7.88 -14.15
CA VAL A 307 -6.38 -7.91 -15.60
C VAL A 307 -6.57 -9.34 -16.11
N ARG A 308 -6.00 -10.34 -15.42
CA ARG A 308 -6.15 -11.73 -15.88
C ARG A 308 -7.64 -12.13 -16.03
N LEU A 309 -8.48 -11.74 -15.06
CA LEU A 309 -9.90 -12.09 -15.10
C LEU A 309 -10.64 -11.38 -16.20
N VAL A 310 -10.26 -10.13 -16.52
CA VAL A 310 -10.84 -9.39 -17.66
C VAL A 310 -10.48 -10.11 -18.95
N LEU A 311 -9.20 -10.47 -19.13
CA LEU A 311 -8.76 -11.20 -20.33
C LEU A 311 -9.53 -12.49 -20.47
N LEU A 312 -9.79 -13.22 -19.35
CA LEU A 312 -10.56 -14.47 -19.47
C LEU A 312 -12.00 -14.22 -19.92
N ARG A 313 -12.60 -13.10 -19.48
CA ARG A 313 -13.95 -12.73 -19.90
C ARG A 313 -13.90 -12.43 -21.41
N LEU A 314 -12.86 -11.71 -21.86
CA LEU A 314 -12.76 -11.40 -23.30
C LEU A 314 -12.52 -12.66 -24.15
N VAL A 315 -11.78 -13.64 -23.61
CA VAL A 315 -11.56 -14.95 -24.24
C VAL A 315 -12.92 -15.67 -24.31
N ASP A 316 -13.69 -15.65 -23.21
CA ASP A 316 -15.00 -16.30 -23.18
C ASP A 316 -15.97 -15.72 -24.23
N GLU A 317 -15.86 -14.41 -24.53
CA GLU A 317 -16.71 -13.75 -25.51
C GLU A 317 -16.21 -13.90 -26.96
N ASN A 318 -15.14 -14.70 -27.17
CA ASN A 318 -14.51 -14.90 -28.49
C ASN A 318 -13.93 -13.59 -29.07
N LEU A 319 -13.45 -12.70 -28.19
CA LEU A 319 -12.89 -11.41 -28.57
C LEU A 319 -11.36 -11.37 -28.46
N LEU A 320 -10.75 -12.43 -27.87
CA LEU A 320 -9.31 -12.44 -27.62
C LEU A 320 -8.77 -13.85 -27.75
N PHE A 321 -7.56 -14.00 -28.39
CA PHE A 321 -6.85 -15.28 -28.56
C PHE A 321 -7.69 -16.41 -29.16
N HIS A 322 -8.55 -16.10 -30.17
CA HIS A 322 -9.46 -17.08 -30.83
C HIS A 322 -10.36 -17.83 -29.82
N GLY A 323 -10.68 -17.19 -28.71
CA GLY A 323 -11.48 -17.76 -27.63
C GLY A 323 -10.81 -18.95 -26.94
N GLU A 324 -9.48 -18.97 -26.94
CA GLU A 324 -8.76 -20.08 -26.32
C GLU A 324 -7.74 -19.54 -25.33
N ALA A 325 -7.92 -19.84 -24.02
CA ALA A 325 -6.95 -19.37 -23.01
C ALA A 325 -5.92 -20.45 -22.72
N SER A 326 -4.64 -20.10 -22.64
CA SER A 326 -3.59 -21.09 -22.37
C SER A 326 -3.68 -21.54 -20.90
N GLU A 327 -2.94 -22.60 -20.53
CA GLU A 327 -2.87 -23.05 -19.13
C GLU A 327 -2.36 -21.92 -18.26
N GLN A 328 -1.31 -21.19 -18.73
CA GLN A 328 -0.73 -20.08 -17.96
C GLN A 328 -1.71 -18.95 -17.77
N LEU A 329 -2.50 -18.61 -18.82
CA LEU A 329 -3.52 -17.56 -18.67
C LEU A 329 -4.61 -17.96 -17.67
N ARG A 330 -4.84 -19.26 -17.51
CA ARG A 330 -5.82 -19.78 -16.55
C ARG A 330 -5.18 -20.14 -15.20
N THR A 331 -3.95 -19.67 -14.95
CA THR A 331 -3.23 -19.91 -13.68
C THR A 331 -3.34 -18.69 -12.75
N ARG A 332 -3.73 -18.93 -11.48
CA ARG A 332 -3.88 -17.83 -10.51
C ARG A 332 -2.56 -17.07 -10.34
N GLY A 333 -2.62 -15.74 -10.43
CA GLY A 333 -1.45 -14.88 -10.29
C GLY A 333 -0.49 -14.87 -11.46
N ALA A 334 -0.81 -15.58 -12.57
CA ALA A 334 0.11 -15.62 -13.69
C ALA A 334 0.24 -14.30 -14.45
N PHE A 335 -0.81 -13.46 -14.45
CA PHE A 335 -0.69 -12.14 -15.09
C PHE A 335 -0.19 -11.22 -13.96
N GLU A 336 1.12 -11.06 -13.88
CA GLU A 336 1.72 -10.29 -12.78
C GLU A 336 1.40 -8.82 -12.90
N THR A 337 1.32 -8.10 -11.77
CA THR A 337 1.10 -6.65 -11.81
C THR A 337 2.23 -5.97 -12.62
N ARG A 338 3.49 -6.45 -12.53
CA ARG A 338 4.57 -5.80 -13.30
C ARG A 338 4.29 -5.91 -14.82
N PHE A 339 3.52 -6.93 -15.25
CA PHE A 339 3.17 -7.06 -16.68
C PHE A 339 2.21 -5.96 -17.08
N VAL A 340 1.34 -5.51 -16.15
CA VAL A 340 0.42 -4.42 -16.40
C VAL A 340 1.25 -3.15 -16.69
N SER A 341 2.28 -2.89 -15.86
CA SER A 341 3.21 -1.75 -16.07
C SER A 341 3.95 -1.92 -17.37
N GLN A 342 4.50 -3.12 -17.65
CA GLN A 342 5.22 -3.33 -18.92
C GLN A 342 4.35 -3.18 -20.18
N VAL A 343 3.06 -3.61 -20.12
CA VAL A 343 2.15 -3.51 -21.27
C VAL A 343 1.88 -2.02 -21.56
N GLU A 344 1.64 -1.24 -20.51
CA GLU A 344 1.35 0.18 -20.67
C GLU A 344 2.59 1.02 -20.99
N SER A 345 3.80 0.40 -20.91
CA SER A 345 5.09 1.04 -21.26
C SER A 345 5.39 0.81 -22.75
N ASP A 346 4.61 -0.05 -23.43
CA ASP A 346 4.81 -0.34 -24.85
C ASP A 346 4.78 0.96 -25.69
N THR A 347 5.81 1.16 -26.55
CA THR A 347 5.99 2.37 -27.37
C THR A 347 5.06 2.48 -28.58
N GLY A 348 4.35 1.41 -28.89
CA GLY A 348 3.46 1.39 -30.05
C GLY A 348 3.72 0.23 -30.97
N ASP A 349 4.91 -0.36 -30.89
CA ASP A 349 5.30 -1.48 -31.77
C ASP A 349 4.75 -2.84 -31.30
N ARG A 350 4.17 -2.89 -30.08
CA ARG A 350 3.57 -4.12 -29.50
C ARG A 350 4.57 -5.20 -29.04
N LYS A 351 5.89 -4.96 -29.24
CA LYS A 351 6.95 -5.92 -28.89
C LYS A 351 6.92 -6.36 -27.42
N GLN A 352 6.82 -5.42 -26.48
CA GLN A 352 6.76 -5.75 -25.06
C GLN A 352 5.49 -6.54 -24.73
N ILE A 353 4.37 -6.16 -25.37
CA ILE A 353 3.07 -6.87 -25.15
C ILE A 353 3.14 -8.28 -25.73
N TYR A 354 3.65 -8.39 -26.96
CA TYR A 354 3.79 -9.68 -27.63
C TYR A 354 4.60 -10.67 -26.78
N ASN A 355 5.77 -10.22 -26.27
CA ASN A 355 6.71 -10.99 -25.45
C ASN A 355 6.03 -11.54 -24.19
N ILE A 356 5.34 -10.67 -23.42
CA ILE A 356 4.60 -11.08 -22.22
C ILE A 356 3.57 -12.15 -22.59
N LEU A 357 2.76 -11.90 -23.61
CA LEU A 357 1.72 -12.84 -24.00
C LEU A 357 2.27 -14.16 -24.54
N SER A 358 3.35 -14.10 -25.36
CA SER A 358 3.95 -15.32 -25.92
C SER A 358 4.52 -16.20 -24.80
N THR A 359 5.15 -15.59 -23.77
CA THR A 359 5.68 -16.28 -22.58
C THR A 359 4.53 -16.92 -21.78
N LEU A 360 3.30 -16.32 -21.83
CA LEU A 360 2.10 -16.89 -21.19
C LEU A 360 1.45 -18.00 -22.07
N GLY A 361 2.15 -18.50 -23.08
CA GLY A 361 1.69 -19.59 -23.94
C GLY A 361 0.62 -19.19 -24.94
N LEU A 362 0.54 -17.90 -25.27
CA LEU A 362 -0.45 -17.42 -26.21
C LEU A 362 0.22 -17.12 -27.55
N ARG A 363 -0.57 -17.05 -28.63
CA ARG A 363 -0.05 -16.71 -29.97
C ARG A 363 -0.79 -15.45 -30.39
N PRO A 364 -0.43 -14.28 -29.81
CA PRO A 364 -1.26 -13.10 -30.04
C PRO A 364 -1.13 -12.43 -31.38
N SER A 365 -2.26 -11.89 -31.87
CA SER A 365 -2.25 -11.06 -33.06
C SER A 365 -1.97 -9.64 -32.57
N THR A 366 -1.85 -8.71 -33.52
CA THR A 366 -1.67 -7.28 -33.25
C THR A 366 -2.91 -6.75 -32.47
N THR A 367 -4.12 -7.20 -32.88
CA THR A 367 -5.39 -6.81 -32.26
C THR A 367 -5.47 -7.32 -30.83
N ASP A 368 -5.02 -8.57 -30.60
CA ASP A 368 -4.98 -9.15 -29.26
C ASP A 368 -4.11 -8.28 -28.35
N CYS A 369 -2.93 -7.85 -28.85
CA CYS A 369 -2.00 -6.99 -28.10
C CYS A 369 -2.66 -5.65 -27.72
N ASP A 370 -3.37 -5.04 -28.66
CA ASP A 370 -4.05 -3.76 -28.40
C ASP A 370 -5.16 -3.94 -27.38
N ILE A 371 -5.87 -5.07 -27.44
CA ILE A 371 -6.93 -5.37 -26.49
C ILE A 371 -6.37 -5.56 -25.09
N VAL A 372 -5.22 -6.27 -24.97
CA VAL A 372 -4.60 -6.49 -23.65
C VAL A 372 -4.20 -5.13 -23.04
N ARG A 373 -3.67 -4.24 -23.89
CA ARG A 373 -3.30 -2.88 -23.45
C ARG A 373 -4.48 -2.11 -22.91
N ARG A 374 -5.62 -2.15 -23.63
CA ARG A 374 -6.85 -1.49 -23.17
C ARG A 374 -7.35 -2.08 -21.86
N ALA A 375 -7.25 -3.42 -21.67
CA ALA A 375 -7.68 -4.04 -20.41
C ALA A 375 -6.81 -3.53 -19.25
N CYS A 376 -5.48 -3.47 -19.46
CA CYS A 376 -4.51 -2.98 -18.48
C CYS A 376 -4.84 -1.52 -18.13
N GLU A 377 -5.02 -0.68 -19.17
CA GLU A 377 -5.33 0.74 -18.97
C GLU A 377 -6.60 0.92 -18.18
N SER A 378 -7.63 0.08 -18.43
CA SER A 378 -8.92 0.19 -17.75
C SER A 378 -8.79 -0.10 -16.25
N VAL A 379 -8.09 -1.20 -15.90
CA VAL A 379 -7.88 -1.59 -14.50
C VAL A 379 -7.01 -0.55 -13.78
N SER A 380 -5.87 -0.18 -14.38
CA SER A 380 -4.94 0.75 -13.71
C SER A 380 -5.48 2.16 -13.61
N THR A 381 -6.22 2.62 -14.62
CA THR A 381 -6.88 3.94 -14.57
C THR A 381 -7.91 3.91 -13.42
N ARG A 382 -8.70 2.82 -13.31
CA ARG A 382 -9.66 2.76 -12.22
C ARG A 382 -8.94 2.79 -10.85
N ALA A 383 -7.80 2.08 -10.75
CA ALA A 383 -6.98 2.03 -9.51
C ALA A 383 -6.55 3.46 -9.18
N ALA A 384 -6.03 4.20 -10.18
CA ALA A 384 -5.59 5.59 -10.01
C ALA A 384 -6.71 6.49 -9.50
N HIS A 385 -7.91 6.38 -10.13
CA HIS A 385 -9.06 7.23 -9.81
C HIS A 385 -9.63 6.90 -8.46
N MET A 386 -9.74 5.60 -8.11
CA MET A 386 -10.24 5.25 -6.77
C MET A 386 -9.27 5.74 -5.69
N CYS A 387 -7.98 5.54 -5.92
CA CYS A 387 -6.95 6.00 -4.95
C CYS A 387 -7.02 7.52 -4.78
N SER A 388 -7.24 8.25 -5.88
CA SER A 388 -7.33 9.72 -5.84
C SER A 388 -8.48 10.20 -4.93
N ALA A 389 -9.61 9.50 -4.98
CA ALA A 389 -10.76 9.89 -4.12
C ALA A 389 -10.38 9.73 -2.63
N GLY A 390 -9.61 8.71 -2.29
CA GLY A 390 -9.15 8.49 -0.93
C GLY A 390 -8.20 9.58 -0.46
N LEU A 391 -7.16 9.86 -1.26
CA LEU A 391 -6.23 10.94 -0.90
C LEU A 391 -6.91 12.30 -0.84
N ALA A 392 -7.80 12.58 -1.80
CA ALA A 392 -8.50 13.88 -1.78
C ALA A 392 -9.37 14.02 -0.50
N GLY A 393 -9.96 12.91 -0.06
CA GLY A 393 -10.78 12.89 1.16
C GLY A 393 -9.96 13.27 2.39
N VAL A 394 -8.73 12.73 2.49
CA VAL A 394 -7.80 12.99 3.59
C VAL A 394 -7.38 14.46 3.55
N ILE A 395 -6.90 14.92 2.38
CA ILE A 395 -6.43 16.33 2.23
C ILE A 395 -7.53 17.35 2.46
N ASN A 396 -8.72 17.12 1.89
CA ASN A 396 -9.84 18.04 2.11
C ASN A 396 -10.22 18.11 3.58
N ARG A 397 -10.17 16.97 4.28
CA ARG A 397 -10.48 16.95 5.70
C ARG A 397 -9.42 17.73 6.45
N MET A 398 -8.14 17.60 6.07
CA MET A 398 -7.07 18.36 6.72
C MET A 398 -7.25 19.85 6.56
N ARG A 399 -7.56 20.31 5.32
CA ARG A 399 -7.79 21.73 5.05
C ARG A 399 -8.86 22.26 6.01
N GLU A 400 -9.98 21.51 6.14
CA GLU A 400 -11.11 21.86 7.01
C GLU A 400 -10.73 21.93 8.50
N SER A 401 -10.09 20.86 9.04
CA SER A 401 -9.64 20.79 10.46
C SER A 401 -8.62 21.88 10.83
N ARG A 402 -7.80 22.33 9.85
CA ARG A 402 -6.79 23.35 10.08
C ARG A 402 -7.33 24.75 9.80
N SER A 403 -8.58 24.85 9.30
CA SER A 403 -9.28 26.09 8.97
C SER A 403 -8.39 26.97 8.09
N GLU A 404 -7.90 26.35 7.01
CA GLU A 404 -7.01 26.98 6.06
C GLU A 404 -7.75 27.33 4.79
N ASP A 405 -7.61 28.59 4.29
CA ASP A 405 -8.25 28.99 3.03
C ASP A 405 -7.63 28.18 1.90
N VAL A 406 -6.28 28.16 1.84
CA VAL A 406 -5.50 27.43 0.86
C VAL A 406 -4.52 26.56 1.62
N MET A 407 -4.66 25.25 1.52
CA MET A 407 -3.69 24.43 2.24
C MET A 407 -2.59 23.94 1.33
N ARG A 408 -1.34 24.25 1.72
CA ARG A 408 -0.16 23.82 0.98
C ARG A 408 0.37 22.64 1.79
N ILE A 409 0.48 21.46 1.17
CA ILE A 409 0.89 20.26 1.88
C ILE A 409 1.71 19.35 1.02
N THR A 410 2.58 18.57 1.65
CA THR A 410 3.41 17.61 0.94
C THR A 410 2.96 16.23 1.36
N VAL A 411 2.88 15.35 0.38
CA VAL A 411 2.53 13.95 0.58
C VAL A 411 3.78 13.14 0.19
N GLY A 412 4.23 12.29 1.10
CA GLY A 412 5.33 11.35 0.84
C GLY A 412 4.72 10.04 0.38
N VAL A 413 5.25 9.48 -0.73
CA VAL A 413 4.68 8.28 -1.33
C VAL A 413 5.72 7.18 -1.57
N ASP A 414 5.36 5.92 -1.33
CA ASP A 414 6.23 4.81 -1.72
C ASP A 414 5.35 3.72 -2.31
N GLY A 415 5.95 2.71 -2.92
CA GLY A 415 5.20 1.59 -3.46
C GLY A 415 5.45 1.43 -4.94
N SER A 416 5.55 0.18 -5.40
CA SER A 416 5.91 -0.13 -6.81
C SER A 416 4.85 0.28 -7.83
N VAL A 417 3.56 0.32 -7.42
CA VAL A 417 2.51 0.74 -8.37
C VAL A 417 2.67 2.22 -8.66
N TYR A 418 2.76 3.07 -7.61
CA TYR A 418 2.98 4.51 -7.84
C TYR A 418 4.31 4.79 -8.54
N LYS A 419 5.36 4.16 -8.08
CA LYS A 419 6.66 4.48 -8.62
C LYS A 419 6.96 3.96 -10.02
N LEU A 420 6.58 2.73 -10.30
CA LEU A 420 6.95 2.04 -11.54
C LEU A 420 5.92 1.98 -12.64
N HIS A 421 4.62 2.13 -12.34
CA HIS A 421 3.62 2.05 -13.41
C HIS A 421 3.76 3.30 -14.28
N PRO A 422 3.85 3.18 -15.63
CA PRO A 422 4.14 4.35 -16.48
C PRO A 422 3.15 5.52 -16.46
N SER A 423 1.91 5.30 -16.05
CA SER A 423 0.90 6.37 -16.13
C SER A 423 -0.01 6.51 -14.89
N PHE A 424 0.09 5.57 -13.91
CA PHE A 424 -0.71 5.62 -12.69
C PHE A 424 -0.57 6.98 -12.04
N LYS A 425 0.68 7.37 -11.76
CA LYS A 425 1.06 8.65 -11.11
C LYS A 425 0.37 9.84 -11.77
N GLU A 426 0.51 9.96 -13.09
CA GLU A 426 -0.04 11.09 -13.83
C GLU A 426 -1.57 11.13 -13.78
N ARG A 427 -2.22 9.96 -13.92
CA ARG A 427 -3.68 9.84 -13.84
C ARG A 427 -4.15 10.16 -12.43
N PHE A 428 -3.42 9.63 -11.43
CA PHE A 428 -3.70 9.84 -10.01
C PHE A 428 -3.56 11.32 -9.62
N HIS A 429 -2.42 11.99 -9.98
CA HIS A 429 -2.21 13.41 -9.65
C HIS A 429 -3.30 14.31 -10.29
N ALA A 430 -3.64 14.08 -11.56
CA ALA A 430 -4.64 14.87 -12.28
C ALA A 430 -6.00 14.76 -11.59
N SER A 431 -6.37 13.55 -11.17
CA SER A 431 -7.65 13.30 -10.49
C SER A 431 -7.66 13.90 -9.09
N VAL A 432 -6.54 13.79 -8.35
CA VAL A 432 -6.40 14.37 -7.00
C VAL A 432 -6.61 15.87 -7.09
N ARG A 433 -5.96 16.51 -8.08
CA ARG A 433 -6.03 17.95 -8.28
C ARG A 433 -7.45 18.42 -8.55
N ARG A 434 -8.21 17.66 -9.36
CA ARG A 434 -9.60 17.98 -9.67
C ARG A 434 -10.48 17.95 -8.42
N LEU A 435 -10.18 17.03 -7.50
CA LEU A 435 -10.97 16.83 -6.28
C LEU A 435 -10.53 17.68 -5.10
N THR A 436 -9.41 18.44 -5.24
CA THR A 436 -8.90 19.22 -4.11
C THR A 436 -8.75 20.71 -4.46
N PRO A 437 -9.82 21.42 -4.87
CA PRO A 437 -9.66 22.87 -5.12
C PRO A 437 -9.23 23.54 -3.82
N SER A 438 -8.45 24.60 -3.92
CA SER A 438 -7.93 25.30 -2.74
C SER A 438 -6.88 24.50 -1.96
N CYS A 439 -6.29 23.47 -2.60
CA CYS A 439 -5.16 22.73 -2.03
C CYS A 439 -4.03 22.76 -3.04
N GLU A 440 -2.81 22.93 -2.52
CA GLU A 440 -1.58 22.92 -3.31
C GLU A 440 -0.80 21.74 -2.74
N ILE A 441 -0.86 20.63 -3.45
CA ILE A 441 -0.26 19.38 -3.02
C ILE A 441 1.06 19.07 -3.76
N THR A 442 2.13 18.89 -2.98
CA THR A 442 3.42 18.50 -3.53
C THR A 442 3.55 17.03 -3.23
N PHE A 443 3.91 16.22 -4.22
CA PHE A 443 4.12 14.82 -4.01
C PHE A 443 5.62 14.57 -4.02
N ILE A 444 6.14 13.82 -3.04
CA ILE A 444 7.56 13.47 -2.98
C ILE A 444 7.67 11.95 -2.95
N GLU A 445 8.51 11.35 -3.81
CA GLU A 445 8.72 9.90 -3.82
C GLU A 445 9.79 9.61 -2.79
N SER A 446 9.53 8.72 -1.82
CA SER A 446 10.54 8.48 -0.80
C SER A 446 11.71 7.63 -1.31
N GLU A 447 12.91 7.91 -0.80
CA GLU A 447 14.12 7.16 -1.15
C GLU A 447 14.44 6.36 0.13
N GLU A 448 14.17 5.04 0.09
CA GLU A 448 14.34 4.08 1.20
C GLU A 448 13.54 4.55 2.43
N GLY A 449 12.32 5.02 2.17
CA GLY A 449 11.43 5.61 3.16
C GLY A 449 11.00 4.72 4.30
N SER A 450 10.48 3.53 3.97
CA SER A 450 9.98 2.55 4.95
C SER A 450 11.09 1.86 5.75
N GLY A 451 12.32 2.37 5.63
CA GLY A 451 13.52 1.94 6.34
C GLY A 451 14.11 3.11 7.10
N ARG A 452 14.39 4.22 6.39
CA ARG A 452 14.94 5.42 7.02
C ARG A 452 13.98 6.05 8.06
N GLY A 453 12.66 6.03 7.76
CA GLY A 453 11.63 6.58 8.63
C GLY A 453 11.57 5.88 9.98
N ALA A 454 11.74 4.56 9.98
CA ALA A 454 11.74 3.79 11.24
C ALA A 454 12.98 4.14 12.07
N ALA A 455 14.16 4.38 11.43
CA ALA A 455 15.36 4.75 12.20
C ALA A 455 15.24 6.17 12.70
N LEU A 456 14.68 7.08 11.87
CA LEU A 456 14.47 8.46 12.27
C LEU A 456 13.52 8.58 13.46
N VAL A 457 12.43 7.81 13.45
CA VAL A 457 11.44 7.84 14.55
C VAL A 457 12.08 7.28 15.85
N SER A 458 12.95 6.28 15.70
CA SER A 458 13.70 5.68 16.82
C SER A 458 14.67 6.71 17.42
N ALA A 459 15.36 7.52 16.57
CA ALA A 459 16.25 8.59 17.05
C ALA A 459 15.48 9.62 17.91
N VAL A 460 14.24 9.95 17.51
CA VAL A 460 13.40 10.86 18.28
C VAL A 460 12.89 10.17 19.58
N ALA A 461 12.50 8.89 19.48
CA ALA A 461 11.99 8.07 20.59
C ALA A 461 13.01 7.73 21.69
N CYS A 462 14.26 7.32 21.33
CA CYS A 462 15.32 6.87 22.27
C CYS A 462 15.66 7.78 23.48
N LYS A 463 15.39 9.09 23.37
CA LYS A 463 15.57 10.02 24.49
C LYS A 463 14.42 11.02 24.54
C1 GLC B . -2.14 -3.01 3.86
C2 GLC B . -1.88 -2.91 5.37
C3 GLC B . -1.41 -1.51 5.76
C4 GLC B . -0.24 -1.07 4.89
C5 GLC B . -0.58 -1.22 3.41
C6 GLC B . 0.58 -0.91 2.49
O1 GLC B . -3.20 -2.15 3.55
O2 GLC B . -3.07 -3.26 6.07
O3 GLC B . -1.04 -1.50 7.15
O4 GLC B . 0.09 0.30 5.15
O5 GLC B . -0.97 -2.58 3.14
O6 GLC B . 1.70 -1.75 2.76
C4 0H6 C . 7.21 12.90 13.44
C7 0H6 C . 5.23 15.60 11.69
C6 0H6 C . 5.98 15.08 12.92
C9 0H6 C . 6.15 13.38 11.20
C13 0H6 C . 8.61 10.30 17.84
C21 0H6 C . 10.26 13.20 13.21
C8 0H6 C . 5.35 14.54 10.61
C18 0H6 C . 7.53 9.09 21.25
C16 0H6 C . 6.50 10.60 19.60
N1 0H6 C . 9.41 13.90 14.06
C2 0H6 C . 8.13 13.43 14.56
C3 0H6 C . 8.40 12.25 15.52
C5 0H6 C . 6.91 13.98 12.40
N10 0H6 C . 7.50 12.14 16.57
O11 0H6 C . 9.32 11.48 15.31
C12 0H6 C . 7.57 11.21 17.62
C14 0H6 C . 8.60 9.57 19.03
C15 0H6 C . 7.57 9.74 19.94
N17 0H6 C . 6.48 11.32 18.48
O19 0H6 C . 6.60 9.12 22.04
O20 0H6 C . 8.66 8.42 21.57
C22 0H6 C . 11.31 14.07 12.96
N23 0H6 C . 11.15 15.29 13.63
C24 0H6 C . 9.99 15.17 14.30
C25 0H6 C . 12.53 13.85 12.09
F26 0H6 C . 12.41 12.78 11.28
F27 0H6 C . 13.65 13.64 12.80
F28 0H6 C . 12.80 14.87 11.26
H1 0H6 C . 7.68 12.02 12.94
H2 0H6 C . 6.28 12.52 13.89
H3 0H6 C . 4.18 15.84 11.93
H4 0H6 C . 5.66 16.57 11.36
H5 0H6 C . 5.27 14.68 13.67
H6 0H6 C . 6.53 15.88 13.46
H7 0H6 C . 5.49 12.56 11.53
H8 0H6 C . 6.83 12.91 10.47
H9 0H6 C . 9.43 10.15 17.14
H10 0H6 C . 10.10 12.18 12.88
H11 0H6 C . 5.83 14.93 9.69
H12 0H6 C . 4.35 14.20 10.25
H13 0H6 C . 5.62 10.72 20.26
H14 0H6 C . 7.63 14.29 15.08
H15 0H6 C . 7.87 14.44 12.02
H16 0H6 C . 6.69 12.77 16.60
H17 0H6 C . 9.42 8.87 19.23
H18 0H6 C . 8.57 8.01 22.44
H19 0H6 C . 9.54 15.94 14.92
NA NA D . -7.34 13.47 21.73
#